data_3HV8
#
_entry.id   3HV8
#
_cell.length_a   93.950
_cell.length_b   93.950
_cell.length_c   68.450
_cell.angle_alpha   90.00
_cell.angle_beta   90.00
_cell.angle_gamma   90.00
#
_symmetry.space_group_name_H-M   'P 41 21 2'
#
loop_
_entity.id
_entity.type
_entity.pdbx_description
1 polymer 'Protein FimX'
2 non-polymer "9,9'-[(2R,3R,3aS,5S,7aR,9R,10R,10aS,12S,14aR)-3,5,10,12-tetrahydroxy-5,12-dioxidooctahydro-2H,7H-difuro[3,2-d:3',2'-j][1,3,7,9,2,8]tetraoxadiphosphacyclododecine-2,9-diyl]bis(2-amino-1,9-dihydro-6H-purin-6-one)"
3 water water
#
_entity_poly.entity_id   1
_entity_poly.type   'polypeptide(L)'
_entity_poly.pdbx_seq_one_letter_code
;GAMGSNPAEELAAAAQRGDVIAILQQALETNSFRLLFQPVISLRGDSHENYEVLLRLLNPQGQEVPPAEFLHAAKEAGLA
EKIDRWVILNSIKLLAEHRAKGHQTKLFVHLSSASLQDPGLLPWLGVALKAARLPPESLVFQISEADATSYLKQAKQLTQ
GLATLHCQAAISQFGCSLNPFNALKHLTVQFIKIDGSFVQDLNQVENQEILKGLIAELHEQQKLSIVPFVESASVLATLW
QAGATYIQGYYLQGPSQAMDYDFSSGDE
;
_entity_poly.pdbx_strand_id   A
#
# COMPACT_ATOMS: atom_id res chain seq x y z
N GLY A 18 -19.43 17.60 10.38
CA GLY A 18 -19.47 19.05 10.30
C GLY A 18 -19.57 19.50 8.86
N ASP A 19 -18.54 20.16 8.39
CA ASP A 19 -18.30 20.34 7.00
C ASP A 19 -16.88 19.79 6.81
N VAL A 20 -16.78 18.47 6.79
CA VAL A 20 -15.58 17.76 6.45
C VAL A 20 -15.00 18.30 5.14
N ILE A 21 -15.85 18.67 4.18
CA ILE A 21 -15.37 19.14 2.89
C ILE A 21 -14.60 20.45 3.03
N ALA A 22 -15.19 21.41 3.73
CA ALA A 22 -14.50 22.67 3.98
C ALA A 22 -13.18 22.45 4.72
N ILE A 23 -13.20 21.57 5.71
CA ILE A 23 -11.98 21.24 6.45
C ILE A 23 -10.90 20.63 5.53
N LEU A 24 -11.30 19.72 4.65
CA LEU A 24 -10.35 19.11 3.72
C LEU A 24 -9.77 20.10 2.73
N GLN A 25 -10.62 20.97 2.17
CA GLN A 25 -10.17 21.99 1.23
C GLN A 25 -9.07 22.84 1.88
N GLN A 26 -9.32 23.25 3.12
CA GLN A 26 -8.37 24.06 3.88
C GLN A 26 -7.11 23.26 4.24
N ALA A 27 -7.30 22.02 4.67
CA ALA A 27 -6.17 21.16 5.06
C ALA A 27 -5.16 20.97 3.92
N LEU A 28 -5.66 20.82 2.71
CA LEU A 28 -4.84 20.64 1.50
C LEU A 28 -3.95 21.85 1.22
N GLU A 29 -4.32 22.99 1.76
CA GLU A 29 -3.56 24.22 1.54
C GLU A 29 -2.72 24.64 2.74
N THR A 30 -2.84 23.92 3.86
CA THR A 30 -2.14 24.29 5.08
C THR A 30 -1.30 23.18 5.71
N ASN A 31 -1.05 22.10 4.96
CA ASN A 31 -0.34 20.93 5.49
C ASN A 31 -0.98 20.34 6.74
N SER A 32 -2.31 20.40 6.81
CA SER A 32 -3.01 19.88 7.98
C SER A 32 -3.32 18.39 7.83
N PHE A 33 -2.30 17.66 7.41
CA PHE A 33 -2.30 16.20 7.35
C PHE A 33 -0.99 15.72 7.97
N ARG A 34 -0.97 14.45 8.36
CA ARG A 34 0.25 13.86 8.86
C ARG A 34 0.43 12.48 8.24
N LEU A 35 1.66 12.16 7.83
CA LEU A 35 1.98 10.81 7.39
C LEU A 35 2.49 9.97 8.56
N LEU A 36 1.97 8.75 8.67
CA LEU A 36 2.52 7.75 9.56
C LEU A 36 3.15 6.64 8.70
N PHE A 37 4.02 5.85 9.32
CA PHE A 37 4.83 4.86 8.64
C PHE A 37 4.76 3.55 9.41
N GLN A 38 4.43 2.47 8.72
CA GLN A 38 4.40 1.17 9.36
C GLN A 38 5.33 0.21 8.65
N PRO A 39 6.34 -0.31 9.35
CA PRO A 39 7.35 -1.11 8.66
C PRO A 39 6.79 -2.41 8.11
N VAL A 40 7.34 -2.82 6.97
CA VAL A 40 7.03 -4.08 6.32
C VAL A 40 8.30 -4.91 6.39
N ILE A 41 8.21 -6.08 7.01
CA ILE A 41 9.38 -6.85 7.39
C ILE A 41 9.65 -8.01 6.41
N SER A 42 10.89 -8.09 5.92
CA SER A 42 11.32 -9.20 5.05
C SER A 42 11.61 -10.44 5.89
N LEU A 43 11.08 -11.58 5.45
CA LEU A 43 11.38 -12.86 6.09
C LEU A 43 12.46 -13.64 5.36
N ARG A 44 12.89 -13.17 4.18
CA ARG A 44 13.73 -14.00 3.32
C ARG A 44 15.09 -13.41 3.00
N GLY A 45 15.46 -12.35 3.69
CA GLY A 45 16.82 -11.84 3.63
C GLY A 45 17.00 -10.57 2.85
N ASP A 46 15.90 -9.94 2.46
CA ASP A 46 16.03 -8.70 1.71
C ASP A 46 16.47 -7.54 2.58
N SER A 47 17.27 -6.64 2.01
CA SER A 47 17.91 -5.58 2.80
C SER A 47 17.18 -4.24 2.79
N HIS A 48 16.12 -4.09 2.00
CA HIS A 48 15.39 -2.83 1.97
C HIS A 48 14.72 -2.55 3.31
N GLU A 49 14.67 -1.27 3.67
CA GLU A 49 13.88 -0.83 4.82
C GLU A 49 12.53 -0.32 4.32
N ASN A 50 11.57 -1.24 4.26
CA ASN A 50 10.27 -0.93 3.68
C ASN A 50 9.31 -0.36 4.72
N TYR A 51 8.59 0.72 4.36
CA TYR A 51 7.49 1.19 5.20
C TYR A 51 6.26 1.47 4.34
N GLU A 52 5.09 1.19 4.90
CA GLU A 52 3.84 1.67 4.32
C GLU A 52 3.51 3.04 4.88
N VAL A 53 3.11 3.93 3.99
CA VAL A 53 2.64 5.26 4.35
C VAL A 53 1.12 5.23 4.61
N LEU A 54 0.72 5.79 5.75
CA LEU A 54 -0.70 5.87 6.12
C LEU A 54 -1.04 7.30 6.48
N LEU A 55 -2.19 7.77 5.99
CA LEU A 55 -2.55 9.18 6.10
C LEU A 55 -3.47 9.50 7.28
N ARG A 56 -3.20 10.59 7.98
CA ARG A 56 -4.14 11.09 8.98
C ARG A 56 -4.44 12.55 8.67
N LEU A 57 -5.70 12.93 8.77
CA LEU A 57 -6.07 14.34 8.71
C LEU A 57 -5.84 14.94 10.10
N LEU A 58 -5.36 16.18 10.16
CA LEU A 58 -5.22 16.85 11.45
C LEU A 58 -6.37 17.83 11.55
N ASN A 59 -7.26 17.60 12.50
CA ASN A 59 -8.44 18.46 12.65
C ASN A 59 -8.01 19.80 13.23
N PRO A 60 -8.92 20.78 13.26
CA PRO A 60 -8.49 22.09 13.73
C PRO A 60 -7.88 22.11 15.14
N GLN A 61 -8.05 21.04 15.92
CA GLN A 61 -7.45 20.97 17.26
C GLN A 61 -6.14 20.20 17.28
N GLY A 62 -5.68 19.74 16.12
CA GLY A 62 -4.42 19.04 16.03
C GLY A 62 -4.52 17.54 16.27
N GLN A 63 -5.74 17.01 16.27
CA GLN A 63 -5.95 15.58 16.47
C GLN A 63 -5.87 14.79 15.17
N GLU A 64 -5.34 13.57 15.25
CA GLU A 64 -5.29 12.67 14.10
C GLU A 64 -6.66 12.06 13.85
N VAL A 65 -7.15 12.23 12.62
CA VAL A 65 -8.42 11.68 12.18
C VAL A 65 -8.13 10.64 11.09
N PRO A 66 -8.69 9.44 11.25
CA PRO A 66 -8.41 8.33 10.33
C PRO A 66 -9.13 8.44 9.00
N PRO A 67 -8.58 7.80 7.96
CA PRO A 67 -9.12 7.84 6.60
C PRO A 67 -10.60 7.49 6.51
N ALA A 68 -11.05 6.60 7.39
CA ALA A 68 -12.45 6.21 7.42
C ALA A 68 -13.40 7.41 7.50
N GLU A 69 -12.97 8.46 8.19
CA GLU A 69 -13.84 9.63 8.41
C GLU A 69 -13.80 10.71 7.34
N PHE A 70 -12.92 10.58 6.35
CA PHE A 70 -12.83 11.64 5.35
C PHE A 70 -12.56 11.24 3.90
N LEU A 71 -11.93 10.08 3.65
CA LEU A 71 -11.58 9.73 2.27
C LEU A 71 -12.78 9.55 1.35
N HIS A 72 -13.85 8.95 1.87
CA HIS A 72 -15.08 8.78 1.08
C HIS A 72 -15.68 10.11 0.64
N ALA A 73 -15.81 11.03 1.60
CA ALA A 73 -16.41 12.33 1.33
C ALA A 73 -15.49 13.11 0.40
N ALA A 74 -14.18 12.96 0.60
CA ALA A 74 -13.21 13.64 -0.26
C ALA A 74 -13.40 13.25 -1.71
N LYS A 75 -13.49 11.95 -1.97
CA LYS A 75 -13.67 11.51 -3.35
C LYS A 75 -14.96 12.06 -3.99
N GLU A 76 -16.05 12.02 -3.23
CA GLU A 76 -17.34 12.50 -3.73
C GLU A 76 -17.30 14.00 -4.03
N ALA A 77 -16.47 14.73 -3.28
CA ALA A 77 -16.32 16.18 -3.45
C ALA A 77 -15.22 16.57 -4.43
N GLY A 78 -14.61 15.59 -5.09
CA GLY A 78 -13.62 15.88 -6.10
C GLY A 78 -12.24 16.25 -5.55
N LEU A 79 -11.95 15.81 -4.34
CA LEU A 79 -10.69 16.13 -3.66
C LEU A 79 -9.72 14.95 -3.56
N ALA A 80 -10.10 13.77 -4.07
CA ALA A 80 -9.30 12.57 -3.82
C ALA A 80 -7.95 12.62 -4.53
N GLU A 81 -7.92 13.14 -5.76
CA GLU A 81 -6.67 13.25 -6.49
C GLU A 81 -5.72 14.21 -5.78
N LYS A 82 -6.24 15.34 -5.31
CA LYS A 82 -5.42 16.30 -4.58
C LYS A 82 -4.84 15.72 -3.30
N ILE A 83 -5.63 14.93 -2.56
CA ILE A 83 -5.10 14.28 -1.38
C ILE A 83 -3.98 13.31 -1.74
N ASP A 84 -4.18 12.51 -2.79
CA ASP A 84 -3.14 11.60 -3.22
C ASP A 84 -1.86 12.35 -3.63
N ARG A 85 -2.00 13.47 -4.34
CA ARG A 85 -0.80 14.22 -4.72
C ARG A 85 -0.08 14.75 -3.49
N TRP A 86 -0.82 15.18 -2.46
CA TRP A 86 -0.20 15.66 -1.22
C TRP A 86 0.60 14.52 -0.58
N VAL A 87 0.02 13.34 -0.53
CA VAL A 87 0.68 12.20 0.08
C VAL A 87 1.94 11.83 -0.70
N ILE A 88 1.80 11.75 -2.03
CA ILE A 88 2.91 11.36 -2.88
C ILE A 88 4.02 12.40 -2.82
N LEU A 89 3.67 13.67 -2.90
CA LEU A 89 4.68 14.72 -2.87
C LEU A 89 5.49 14.66 -1.58
N ASN A 90 4.80 14.47 -0.47
CA ASN A 90 5.45 14.41 0.82
C ASN A 90 6.21 13.12 1.07
N SER A 91 5.70 12.03 0.52
CA SER A 91 6.42 10.77 0.61
C SER A 91 7.75 10.88 -0.12
N ILE A 92 7.71 11.46 -1.32
CA ILE A 92 8.93 11.65 -2.13
C ILE A 92 9.94 12.48 -1.36
N LYS A 93 9.46 13.53 -0.70
CA LYS A 93 10.33 14.41 0.08
C LYS A 93 10.95 13.72 1.30
N LEU A 94 10.11 13.20 2.19
CA LEU A 94 10.57 12.54 3.42
C LEU A 94 11.48 11.38 3.09
N LEU A 95 11.22 10.75 1.96
CA LEU A 95 12.04 9.64 1.50
C LEU A 95 13.41 10.19 1.20
N ALA A 96 13.46 11.15 0.27
CA ALA A 96 14.72 11.81 -0.11
C ALA A 96 15.60 12.08 1.11
N GLU A 97 15.02 12.68 2.15
CA GLU A 97 15.71 12.83 3.42
C GLU A 97 16.20 11.47 3.91
N HIS A 103 20.08 5.10 4.00
CA HIS A 103 18.97 4.18 4.26
C HIS A 103 18.40 3.63 2.95
N GLN A 104 18.29 2.31 2.87
CA GLN A 104 17.72 1.68 1.68
C GLN A 104 16.19 1.65 1.79
N THR A 105 15.60 2.83 1.97
CA THR A 105 14.18 2.97 2.26
C THR A 105 13.33 2.84 1.00
N LYS A 106 12.24 2.10 1.12
CA LYS A 106 11.23 2.02 0.07
C LYS A 106 9.88 2.30 0.72
N LEU A 107 9.05 3.12 0.09
CA LEU A 107 7.73 3.46 0.65
C LEU A 107 6.60 2.90 -0.20
N PHE A 108 5.63 2.30 0.48
CA PHE A 108 4.40 1.81 -0.13
C PHE A 108 3.32 2.87 0.06
N VAL A 109 2.80 3.39 -1.05
CA VAL A 109 1.91 4.54 -1.01
C VAL A 109 0.59 4.19 -1.67
N HIS A 110 -0.51 4.43 -0.96
CA HIS A 110 -1.85 4.14 -1.48
C HIS A 110 -2.27 5.10 -2.58
N LEU A 111 -3.03 4.58 -3.53
CA LEU A 111 -3.74 5.40 -4.52
C LEU A 111 -5.24 5.17 -4.40
N SER A 112 -6.00 6.25 -4.40
CA SER A 112 -7.47 6.12 -4.47
C SER A 112 -7.90 5.78 -5.90
N SER A 113 -9.15 5.34 -6.03
CA SER A 113 -9.67 5.05 -7.37
C SER A 113 -9.68 6.28 -8.26
N ALA A 114 -9.84 7.46 -7.66
CA ALA A 114 -9.82 8.68 -8.46
C ALA A 114 -8.46 8.85 -9.14
N SER A 115 -7.38 8.56 -8.43
CA SER A 115 -6.06 8.65 -9.04
C SER A 115 -5.86 7.62 -10.14
N LEU A 116 -6.46 6.44 -10.00
N LEU A 116 -6.50 6.47 -9.98
CA LEU A 116 -6.37 5.44 -11.07
CA LEU A 116 -6.45 5.39 -10.97
C LEU A 116 -6.90 6.01 -12.37
C LEU A 116 -7.02 5.86 -12.31
N GLN A 117 -7.99 6.76 -12.26
CA GLN A 117 -8.67 7.28 -13.43
C GLN A 117 -8.10 8.61 -13.97
N ASP A 118 -7.06 9.11 -13.33
CA ASP A 118 -6.55 10.46 -13.59
C ASP A 118 -5.44 10.39 -14.63
N PRO A 119 -5.71 10.82 -15.87
CA PRO A 119 -4.68 10.77 -16.92
C PRO A 119 -3.52 11.71 -16.64
N GLY A 120 -3.68 12.62 -15.68
CA GLY A 120 -2.61 13.54 -15.35
C GLY A 120 -1.61 13.01 -14.33
N LEU A 121 -1.94 11.88 -13.70
CA LEU A 121 -1.10 11.39 -12.62
C LEU A 121 0.31 11.01 -13.10
N LEU A 122 0.38 10.20 -14.15
N LEU A 122 0.39 10.21 -14.15
CA LEU A 122 1.67 9.77 -14.69
CA LEU A 122 1.68 9.77 -14.66
C LEU A 122 2.58 10.93 -15.11
C LEU A 122 2.59 10.93 -15.11
N PRO A 123 2.07 11.84 -15.97
CA PRO A 123 2.90 12.98 -16.36
C PRO A 123 3.39 13.77 -15.14
N TRP A 124 2.52 14.00 -14.17
CA TRP A 124 2.91 14.75 -12.97
C TRP A 124 3.94 13.99 -12.14
N LEU A 125 3.71 12.68 -11.96
CA LEU A 125 4.61 11.89 -11.14
C LEU A 125 6.02 11.90 -11.74
N GLY A 126 6.08 11.80 -13.06
CA GLY A 126 7.35 11.85 -13.77
C GLY A 126 8.14 13.08 -13.41
N VAL A 127 7.49 14.23 -13.45
CA VAL A 127 8.18 15.49 -13.12
C VAL A 127 8.49 15.61 -11.63
N ALA A 128 7.61 15.10 -10.78
CA ALA A 128 7.81 15.16 -9.34
C ALA A 128 9.00 14.31 -8.87
N LEU A 129 9.18 13.16 -9.50
CA LEU A 129 10.31 12.29 -9.18
C LEU A 129 11.62 12.96 -9.58
N LYS A 130 11.68 13.45 -10.82
CA LYS A 130 12.88 14.13 -11.33
C LYS A 130 13.29 15.31 -10.45
N ALA A 131 12.31 16.11 -10.04
CA ALA A 131 12.58 17.28 -9.20
C ALA A 131 13.26 16.96 -7.86
N ALA A 132 12.98 15.77 -7.31
CA ALA A 132 13.57 15.38 -6.04
C ALA A 132 14.80 14.52 -6.29
N ARG A 133 15.02 14.15 -7.55
CA ARG A 133 16.16 13.32 -7.88
C ARG A 133 16.05 12.05 -7.06
N LEU A 134 14.95 11.33 -7.28
CA LEU A 134 14.67 10.11 -6.56
C LEU A 134 15.24 8.91 -7.31
N PRO A 135 15.93 8.03 -6.58
CA PRO A 135 16.49 6.79 -7.12
C PRO A 135 15.40 5.88 -7.63
N PRO A 136 15.72 4.97 -8.58
CA PRO A 136 14.74 4.02 -9.11
C PRO A 136 14.35 3.04 -8.02
N GLU A 137 13.18 2.42 -8.15
CA GLU A 137 12.67 1.51 -7.13
C GLU A 137 12.71 2.12 -5.72
N SER A 138 12.13 3.30 -5.57
CA SER A 138 12.01 3.91 -4.24
C SER A 138 10.57 3.85 -3.77
N LEU A 139 9.64 3.93 -4.72
CA LEU A 139 8.21 3.98 -4.43
C LEU A 139 7.49 2.75 -4.96
N VAL A 140 6.57 2.23 -4.14
CA VAL A 140 5.66 1.18 -4.55
C VAL A 140 4.24 1.70 -4.39
N PHE A 141 3.47 1.75 -5.46
CA PHE A 141 2.10 2.25 -5.38
C PHE A 141 1.12 1.11 -5.14
N GLN A 142 0.26 1.29 -4.13
N GLN A 142 0.21 1.32 -4.19
CA GLN A 142 -0.69 0.26 -3.76
CA GLN A 142 -0.67 0.25 -3.72
C GLN A 142 -2.06 0.61 -4.27
C GLN A 142 -2.13 0.52 -4.08
N ILE A 143 -2.69 -0.39 -4.88
CA ILE A 143 -4.05 -0.30 -5.33
C ILE A 143 -4.85 -1.42 -4.68
N SER A 144 -6.04 -1.14 -4.16
CA SER A 144 -6.86 -2.21 -3.58
C SER A 144 -7.32 -3.19 -4.65
N GLU A 145 -7.57 -4.41 -4.22
CA GLU A 145 -8.08 -5.42 -5.13
C GLU A 145 -9.40 -4.96 -5.75
N ALA A 146 -10.27 -4.37 -4.94
CA ALA A 146 -11.56 -3.94 -5.46
C ALA A 146 -11.35 -2.92 -6.57
N ASP A 147 -10.47 -1.95 -6.34
CA ASP A 147 -10.22 -0.91 -7.36
C ASP A 147 -9.52 -1.44 -8.61
N ALA A 148 -8.56 -2.35 -8.42
CA ALA A 148 -7.85 -2.93 -9.55
C ALA A 148 -8.82 -3.63 -10.48
N THR A 149 -9.82 -4.27 -9.88
CA THR A 149 -10.82 -5.05 -10.59
C THR A 149 -11.89 -4.15 -11.21
N SER A 150 -12.31 -3.12 -10.48
CA SER A 150 -13.33 -2.20 -10.96
C SER A 150 -12.86 -1.34 -12.11
N TYR A 151 -11.57 -1.00 -12.10
CA TYR A 151 -11.00 -0.08 -13.08
C TYR A 151 -9.81 -0.75 -13.77
N LEU A 152 -10.06 -1.95 -14.28
CA LEU A 152 -8.99 -2.80 -14.78
C LEU A 152 -8.19 -2.15 -15.91
N LYS A 153 -8.87 -1.59 -16.89
CA LYS A 153 -8.15 -0.94 -17.99
C LYS A 153 -7.27 0.21 -17.50
N GLN A 154 -7.79 1.02 -16.57
CA GLN A 154 -7.02 2.13 -16.04
C GLN A 154 -5.86 1.67 -15.17
N ALA A 155 -6.07 0.59 -14.42
CA ALA A 155 -5.02 0.05 -13.58
C ALA A 155 -3.90 -0.56 -14.43
N LYS A 156 -4.31 -1.22 -15.53
CA LYS A 156 -3.33 -1.72 -16.49
C LYS A 156 -2.46 -0.59 -17.04
N GLN A 157 -3.10 0.47 -17.48
CA GLN A 157 -2.36 1.59 -18.05
C GLN A 157 -1.48 2.27 -17.00
N LEU A 158 -2.01 2.46 -15.80
CA LEU A 158 -1.23 3.13 -14.78
C LEU A 158 0.00 2.29 -14.39
N THR A 159 -0.21 1.00 -14.14
CA THR A 159 0.91 0.16 -13.69
C THR A 159 1.98 -0.02 -14.76
N GLN A 160 1.57 -0.06 -16.03
CA GLN A 160 2.53 -0.09 -17.13
C GLN A 160 3.33 1.22 -17.15
N GLY A 161 2.65 2.34 -16.92
CA GLY A 161 3.33 3.62 -16.86
C GLY A 161 4.27 3.75 -15.68
N LEU A 162 3.88 3.20 -14.53
CA LEU A 162 4.76 3.21 -13.37
C LEU A 162 6.04 2.44 -13.64
N ALA A 163 5.93 1.34 -14.38
CA ALA A 163 7.10 0.54 -14.70
C ALA A 163 8.07 1.37 -15.56
N THR A 164 7.50 2.12 -16.50
CA THR A 164 8.32 2.98 -17.34
C THR A 164 9.10 3.99 -16.50
N LEU A 165 8.46 4.50 -15.43
CA LEU A 165 9.08 5.45 -14.49
C LEU A 165 9.91 4.79 -13.38
N HIS A 166 10.14 3.48 -13.47
CA HIS A 166 10.93 2.74 -12.47
C HIS A 166 10.36 2.85 -11.05
N CYS A 167 9.04 2.88 -10.99
CA CYS A 167 8.34 2.68 -9.74
C CYS A 167 7.81 1.27 -9.75
N GLN A 168 7.41 0.78 -8.59
CA GLN A 168 6.79 -0.52 -8.50
C GLN A 168 5.33 -0.39 -8.09
N ALA A 169 4.61 -1.50 -8.10
CA ALA A 169 3.20 -1.50 -7.72
C ALA A 169 2.82 -2.76 -6.95
N ALA A 170 1.73 -2.63 -6.20
CA ALA A 170 1.22 -3.70 -5.36
C ALA A 170 -0.29 -3.71 -5.40
N ILE A 171 -0.89 -4.87 -5.26
CA ILE A 171 -2.32 -4.96 -5.01
C ILE A 171 -2.51 -5.33 -3.55
N SER A 172 -3.35 -4.59 -2.83
CA SER A 172 -3.63 -4.88 -1.44
C SER A 172 -5.04 -5.45 -1.28
N GLN A 173 -5.33 -5.93 -0.08
CA GLN A 173 -6.60 -6.59 0.21
C GLN A 173 -6.88 -7.73 -0.76
N PHE A 174 -5.82 -8.42 -1.17
CA PHE A 174 -5.94 -9.45 -2.20
C PHE A 174 -6.57 -10.73 -1.66
N GLY A 175 -7.38 -11.35 -2.51
CA GLY A 175 -7.84 -12.71 -2.31
C GLY A 175 -9.31 -12.87 -2.02
N CYS A 176 -10.06 -11.76 -2.08
CA CYS A 176 -11.46 -11.76 -1.67
C CYS A 176 -12.43 -11.84 -2.85
N SER A 177 -12.00 -11.43 -4.03
CA SER A 177 -12.86 -11.50 -5.21
C SER A 177 -13.02 -12.97 -5.65
N LEU A 178 -13.92 -13.21 -6.60
CA LEU A 178 -14.24 -14.58 -7.02
C LEU A 178 -13.01 -15.29 -7.61
N ASN A 179 -12.30 -14.60 -8.48
CA ASN A 179 -11.13 -15.17 -9.15
C ASN A 179 -9.97 -14.20 -9.08
N PRO A 180 -9.36 -14.09 -7.90
CA PRO A 180 -8.42 -12.98 -7.64
C PRO A 180 -7.20 -13.01 -8.55
N PHE A 181 -6.81 -14.20 -9.03
CA PHE A 181 -5.61 -14.27 -9.85
C PHE A 181 -5.79 -13.75 -11.28
N ASN A 182 -7.04 -13.63 -11.73
CA ASN A 182 -7.30 -13.16 -13.09
C ASN A 182 -6.78 -11.73 -13.29
N ALA A 183 -6.97 -10.91 -12.28
CA ALA A 183 -6.54 -9.52 -12.39
C ALA A 183 -5.06 -9.40 -12.69
N LEU A 184 -4.26 -10.32 -12.16
N LEU A 184 -4.25 -10.32 -12.16
CA LEU A 184 -2.80 -10.30 -12.32
CA LEU A 184 -2.81 -10.28 -12.33
C LEU A 184 -2.36 -10.51 -13.78
C LEU A 184 -2.35 -10.55 -13.77
N LYS A 185 -3.24 -11.09 -14.59
CA LYS A 185 -2.94 -11.29 -16.02
C LYS A 185 -2.82 -9.97 -16.77
N HIS A 186 -3.24 -8.88 -16.12
CA HIS A 186 -3.42 -7.62 -16.82
C HIS A 186 -2.55 -6.51 -16.29
N LEU A 187 -2.06 -6.67 -15.06
CA LEU A 187 -1.42 -5.58 -14.33
C LEU A 187 0.07 -5.83 -14.20
N THR A 188 0.83 -4.76 -13.97
CA THR A 188 2.27 -4.82 -13.75
C THR A 188 2.48 -4.58 -12.27
N VAL A 189 2.59 -5.66 -11.51
N VAL A 189 2.70 -5.65 -11.52
CA VAL A 189 2.74 -5.54 -10.06
CA VAL A 189 2.68 -5.60 -10.06
C VAL A 189 3.76 -6.56 -9.58
C VAL A 189 3.64 -6.62 -9.46
N GLN A 190 4.51 -6.18 -8.55
CA GLN A 190 5.55 -7.05 -8.02
C GLN A 190 5.17 -7.60 -6.65
N PHE A 191 4.33 -6.88 -5.92
CA PHE A 191 3.96 -7.28 -4.56
C PHE A 191 2.47 -7.53 -4.48
N ILE A 192 2.06 -8.51 -3.69
CA ILE A 192 0.64 -8.75 -3.45
C ILE A 192 0.42 -8.87 -1.96
N LYS A 193 -0.41 -7.98 -1.42
CA LYS A 193 -0.64 -7.91 0.01
C LYS A 193 -2.01 -8.50 0.23
N ILE A 194 -2.05 -9.64 0.93
N ILE A 194 -2.03 -9.59 0.99
CA ILE A 194 -3.32 -10.33 1.07
CA ILE A 194 -3.23 -10.37 1.22
C ILE A 194 -4.20 -9.70 2.15
C ILE A 194 -4.20 -9.69 2.20
N ASP A 195 -5.51 -9.91 2.03
CA ASP A 195 -6.47 -9.34 2.95
C ASP A 195 -6.26 -9.87 4.38
N GLY A 196 -6.43 -9.01 5.36
CA GLY A 196 -6.25 -9.38 6.76
C GLY A 196 -7.18 -10.47 7.24
N SER A 197 -8.28 -10.68 6.54
CA SER A 197 -9.22 -11.74 6.90
C SER A 197 -8.56 -13.13 6.89
N PHE A 198 -7.52 -13.28 6.08
CA PHE A 198 -6.90 -14.60 5.93
C PHE A 198 -6.05 -15.03 7.12
N VAL A 199 -5.74 -14.10 8.02
CA VAL A 199 -4.97 -14.50 9.21
C VAL A 199 -5.83 -14.56 10.47
N GLN A 200 -7.15 -14.54 10.29
CA GLN A 200 -8.05 -14.71 11.42
C GLN A 200 -8.35 -16.21 11.55
N ASP A 201 -8.59 -16.66 12.78
CA ASP A 201 -9.00 -18.05 13.01
C ASP A 201 -8.03 -19.08 12.43
N LEU A 202 -6.74 -18.86 12.64
CA LEU A 202 -5.70 -19.74 12.10
C LEU A 202 -5.49 -20.96 12.98
N ASN A 203 -6.31 -21.11 14.01
CA ASN A 203 -6.31 -22.31 14.83
C ASN A 203 -7.05 -23.42 14.10
N GLN A 204 -7.90 -23.02 13.16
CA GLN A 204 -8.61 -23.97 12.30
C GLN A 204 -7.72 -24.35 11.12
N VAL A 205 -7.54 -25.66 10.94
CA VAL A 205 -6.65 -26.18 9.92
C VAL A 205 -7.13 -25.80 8.52
N GLU A 206 -8.43 -25.57 8.36
CA GLU A 206 -8.96 -25.18 7.07
C GLU A 206 -8.40 -23.82 6.68
N ASN A 207 -8.38 -22.91 7.64
CA ASN A 207 -7.88 -21.56 7.39
C ASN A 207 -6.37 -21.55 7.19
N GLN A 208 -5.65 -22.43 7.87
CA GLN A 208 -4.22 -22.59 7.65
C GLN A 208 -3.98 -23.01 6.21
N GLU A 209 -4.77 -23.97 5.74
CA GLU A 209 -4.63 -24.51 4.38
C GLU A 209 -4.95 -23.46 3.33
N ILE A 210 -6.02 -22.71 3.55
CA ILE A 210 -6.40 -21.64 2.64
C ILE A 210 -5.28 -20.61 2.51
N LEU A 211 -4.72 -20.22 3.65
N LEU A 211 -4.71 -20.21 3.64
CA LEU A 211 -3.64 -19.25 3.69
CA LEU A 211 -3.63 -19.23 3.66
C LEU A 211 -2.43 -19.78 2.93
C LEU A 211 -2.39 -19.76 2.95
N LYS A 212 -2.02 -21.00 3.26
CA LYS A 212 -0.88 -21.63 2.63
C LYS A 212 -1.04 -21.75 1.12
N GLY A 213 -2.21 -22.16 0.67
CA GLY A 213 -2.48 -22.28 -0.76
C GLY A 213 -2.42 -20.96 -1.51
N LEU A 214 -2.90 -19.90 -0.86
CA LEU A 214 -2.91 -18.57 -1.45
C LEU A 214 -1.49 -18.09 -1.66
N ILE A 215 -0.68 -18.17 -0.60
CA ILE A 215 0.72 -17.83 -0.67
C ILE A 215 1.44 -18.65 -1.73
N ALA A 216 1.17 -19.96 -1.78
CA ALA A 216 1.87 -20.80 -2.73
C ALA A 216 1.56 -20.40 -4.17
N GLU A 217 0.31 -20.05 -4.44
CA GLU A 217 -0.07 -19.67 -5.79
C GLU A 217 0.50 -18.31 -6.21
N LEU A 218 0.56 -17.37 -5.27
CA LEU A 218 1.24 -16.10 -5.54
C LEU A 218 2.69 -16.31 -5.93
N HIS A 219 3.37 -17.18 -5.18
CA HIS A 219 4.76 -17.47 -5.47
C HIS A 219 4.93 -18.19 -6.82
N GLU A 220 4.02 -19.09 -7.16
N GLU A 220 4.00 -19.07 -7.16
CA GLU A 220 4.08 -19.71 -8.48
CA GLU A 220 4.05 -19.72 -8.46
C GLU A 220 4.04 -18.62 -9.54
C GLU A 220 3.91 -18.69 -9.60
N GLN A 221 3.28 -17.57 -9.29
CA GLN A 221 3.15 -16.45 -10.23
C GLN A 221 4.28 -15.42 -10.05
N GLN A 222 5.26 -15.77 -9.22
CA GLN A 222 6.46 -14.95 -9.02
C GLN A 222 6.13 -13.57 -8.43
N LYS A 223 5.09 -13.53 -7.61
CA LYS A 223 4.73 -12.32 -6.88
C LYS A 223 5.23 -12.42 -5.45
N LEU A 224 5.76 -11.33 -4.93
CA LEU A 224 6.16 -11.26 -3.53
C LEU A 224 4.94 -11.11 -2.63
N SER A 225 4.75 -12.04 -1.70
CA SER A 225 3.63 -11.96 -0.79
C SER A 225 3.91 -11.08 0.42
N ILE A 226 2.93 -10.27 0.79
CA ILE A 226 2.97 -9.52 2.05
C ILE A 226 1.74 -9.92 2.83
N VAL A 227 1.92 -10.36 4.07
CA VAL A 227 0.79 -10.72 4.91
C VAL A 227 0.70 -9.77 6.09
N PRO A 228 -0.39 -9.01 6.16
CA PRO A 228 -0.53 -8.02 7.22
C PRO A 228 -1.36 -8.53 8.41
N PHE A 229 -1.63 -7.63 9.33
CA PHE A 229 -2.44 -7.91 10.53
C PHE A 229 -1.82 -8.96 11.44
N VAL A 230 -0.50 -9.05 11.44
CA VAL A 230 0.19 -9.94 12.38
C VAL A 230 0.12 -9.33 13.78
N GLU A 231 -0.63 -9.99 14.67
CA GLU A 231 -0.77 -9.48 16.04
C GLU A 231 -0.34 -10.47 17.09
N SER A 232 0.24 -11.60 16.68
CA SER A 232 0.60 -12.68 17.61
C SER A 232 1.80 -13.48 17.11
N ALA A 233 2.52 -14.10 18.04
CA ALA A 233 3.63 -14.97 17.71
C ALA A 233 3.21 -16.19 16.91
N SER A 234 2.06 -16.78 17.24
CA SER A 234 1.56 -17.94 16.50
C SER A 234 1.30 -17.59 15.04
N VAL A 235 0.77 -16.40 14.81
CA VAL A 235 0.52 -15.98 13.45
C VAL A 235 1.83 -15.68 12.71
N LEU A 236 2.73 -14.95 13.36
CA LEU A 236 4.06 -14.70 12.80
C LEU A 236 4.72 -16.02 12.40
N ALA A 237 4.73 -16.99 13.31
CA ALA A 237 5.36 -18.28 13.03
C ALA A 237 4.68 -19.08 11.92
N THR A 238 3.34 -19.04 11.88
CA THR A 238 2.58 -19.73 10.85
C THR A 238 2.91 -19.16 9.48
N LEU A 239 2.99 -17.84 9.41
CA LEU A 239 3.26 -17.16 8.15
C LEU A 239 4.67 -17.44 7.67
N TRP A 240 5.60 -17.46 8.62
N TRP A 240 5.60 -17.50 8.62
CA TRP A 240 6.96 -17.84 8.32
CA TRP A 240 6.98 -17.80 8.30
C TRP A 240 6.98 -19.20 7.65
C TRP A 240 7.09 -19.21 7.72
N GLN A 241 6.37 -20.17 8.30
CA GLN A 241 6.38 -21.54 7.81
C GLN A 241 5.61 -21.69 6.50
N ALA A 242 4.60 -20.84 6.31
CA ALA A 242 3.82 -20.85 5.07
C ALA A 242 4.60 -20.23 3.91
N GLY A 243 5.71 -19.56 4.22
CA GLY A 243 6.58 -19.02 3.19
C GLY A 243 6.36 -17.57 2.78
N ALA A 244 5.54 -16.85 3.54
CA ALA A 244 5.31 -15.41 3.25
C ALA A 244 6.64 -14.68 3.05
N THR A 245 6.75 -13.83 2.03
CA THR A 245 8.02 -13.11 1.85
C THR A 245 8.16 -11.89 2.78
N TYR A 246 7.04 -11.28 3.16
CA TYR A 246 7.01 -10.14 4.05
C TYR A 246 5.81 -10.23 4.97
N ILE A 247 5.96 -9.64 6.16
CA ILE A 247 4.87 -9.50 7.09
C ILE A 247 4.78 -8.08 7.67
N GLN A 248 3.61 -7.76 8.21
CA GLN A 248 3.34 -6.46 8.79
C GLN A 248 2.27 -6.65 9.87
N GLY A 249 2.30 -5.80 10.89
CA GLY A 249 1.27 -5.83 11.89
C GLY A 249 1.67 -5.15 13.18
N TYR A 250 0.68 -4.94 14.04
CA TYR A 250 0.94 -4.35 15.35
C TYR A 250 1.99 -5.12 16.15
N TYR A 251 2.05 -6.44 15.96
CA TYR A 251 3.02 -7.28 16.67
C TYR A 251 4.47 -6.89 16.36
N LEU A 252 4.72 -6.46 15.13
N LEU A 252 4.71 -6.47 15.12
CA LEU A 252 6.04 -6.00 14.72
CA LEU A 252 6.03 -6.00 14.70
C LEU A 252 6.23 -4.53 15.09
C LEU A 252 6.22 -4.55 15.10
N GLN A 253 5.34 -3.67 14.59
CA GLN A 253 5.29 -2.28 14.99
C GLN A 253 4.05 -1.68 14.34
N GLY A 254 3.30 -0.87 15.09
CA GLY A 254 2.17 -0.17 14.51
C GLY A 254 2.64 1.07 13.76
N PRO A 255 1.71 1.78 13.11
CA PRO A 255 2.05 3.02 12.41
C PRO A 255 2.65 4.05 13.38
N SER A 256 3.70 4.76 12.96
CA SER A 256 4.37 5.74 13.81
C SER A 256 4.79 6.95 12.98
N GLN A 257 4.92 8.11 13.64
CA GLN A 257 5.34 9.33 12.95
C GLN A 257 6.78 9.25 12.45
N ALA A 258 7.54 8.31 12.99
CA ALA A 258 8.94 8.21 12.65
C ALA A 258 9.30 6.88 11.98
N MET A 259 10.24 6.95 11.05
CA MET A 259 10.84 5.75 10.47
C MET A 259 12.09 5.36 11.25
N ASP A 260 11.90 4.71 12.40
CA ASP A 260 13.07 4.29 13.19
C ASP A 260 13.00 2.83 13.61
N TYR A 261 12.36 2.01 12.79
CA TYR A 261 12.32 0.58 13.01
C TYR A 261 13.71 -0.01 12.78
N ASP A 262 14.08 -0.96 13.63
CA ASP A 262 15.34 -1.66 13.49
C ASP A 262 15.15 -2.89 12.61
N PHE A 263 15.42 -2.76 11.30
CA PHE A 263 15.25 -3.88 10.37
C PHE A 263 16.38 -4.90 10.51
N SER A 264 17.53 -4.46 10.99
CA SER A 264 18.70 -5.32 11.11
C SER A 264 18.41 -6.50 12.04
#